data_3SGI
#
_entry.id   3SGI
#
_cell.length_a   52.437
_cell.length_b   99.564
_cell.length_c   144.009
_cell.angle_alpha   90.00
_cell.angle_beta   90.00
_cell.angle_gamma   90.00
#
_symmetry.space_group_name_H-M   'P 21 21 21'
#
loop_
_entity.id
_entity.type
_entity.pdbx_description
1 polymer 'DNA ligase'
2 non-polymer 'ADENOSINE MONOPHOSPHATE'
3 water water
#
_entity_poly.entity_id   1
_entity_poly.type   'polypeptide(L)'
_entity_poly.pdbx_seq_one_letter_code
;VSSPDADQTAPEVLRQWQALAEEVREHQFRYYVRDAPIISDAEFDELLRRLEALEEQHPELRTPDSPTQLVGGAGFATDF
EPVDHLERMLSLDNAFTADELAAWAGRIHAEVGDAAHYLCELKIDGVALSLVYREGRLTRASTRGDGRTGEDVTLNARTI
ADVPERLTPGDDYPVPEVLEVRGEVFFRLDDFQALNASLVEEGKAPFANPRNSAAGSLRQKDPAVTARRRLRMICHGLGH
VEGFRPATLHQAYLALRAWGLPVSEHTTLATDLAGVRERIDYWGEHRHEVDHEIDGVVVKVDEVALQRRLGSTSRAPRWA
IAYKYPPEEAQTKLLDIRVNVGRTGRITPFAFMTPVKVAGSTVGQATLHNASEIKRKGVLIGDTVVIRKAGDVIPEVLGP
VVELRDGSEREFIMPTTCPECGSPLAPEKEGDADIRCPNARGCPGQLRERVFHVASRNGLDIEVLGYEAGVALLQAKVIA
DEGELFALTERDLLRTDLFRTKAGELSANGKRLLVNLDKAKAAPLWRVLVALSIRHVGPTAARALATEFGSLDAIAAAST
DQLAAVEGVGPTIAAAVTEWFAVDWHREIVDKWRAAGVRMVDERDGSRSHHHHHH
;
_entity_poly.pdbx_strand_id   A
#
loop_
_chem_comp.id
_chem_comp.type
_chem_comp.name
_chem_comp.formula
AMP non-polymer 'ADENOSINE MONOPHOSPHATE' 'C10 H14 N5 O7 P'
#
# COMPACT_ATOMS: atom_id res chain seq x y z
N GLN A 8 -5.63 22.41 -6.34
CA GLN A 8 -6.55 21.24 -6.47
C GLN A 8 -6.45 20.28 -5.28
N THR A 9 -6.85 20.75 -4.09
CA THR A 9 -6.93 19.88 -2.92
C THR A 9 -8.26 19.10 -2.97
N ALA A 10 -8.12 17.81 -3.26
CA ALA A 10 -9.27 16.93 -3.49
C ALA A 10 -9.97 16.59 -2.18
N PRO A 11 -11.30 16.77 -2.14
CA PRO A 11 -12.10 16.57 -0.92
C PRO A 11 -12.84 15.23 -0.84
N GLU A 12 -13.71 14.95 -1.80
CA GLU A 12 -14.40 13.66 -1.90
C GLU A 12 -14.11 13.06 -3.28
N VAL A 13 -13.41 13.83 -4.10
CA VAL A 13 -12.87 13.38 -5.39
C VAL A 13 -12.05 12.07 -5.26
N LEU A 14 -11.41 11.88 -4.10
CA LEU A 14 -10.68 10.64 -3.80
C LEU A 14 -11.65 9.48 -3.62
N ARG A 15 -12.84 9.75 -3.10
CA ARG A 15 -13.88 8.74 -2.99
C ARG A 15 -14.52 8.40 -4.35
N GLN A 16 -14.43 9.30 -5.33
CA GLN A 16 -14.90 8.98 -6.67
C GLN A 16 -13.85 8.16 -7.40
N TRP A 17 -12.61 8.24 -6.91
CA TRP A 17 -11.45 7.65 -7.58
C TRP A 17 -10.99 6.33 -6.98
N GLN A 18 -10.97 6.23 -5.65
CA GLN A 18 -10.51 5.01 -5.00
C GLN A 18 -11.45 3.85 -5.28
N ALA A 19 -12.75 4.15 -5.27
CA ALA A 19 -13.78 3.13 -5.44
C ALA A 19 -14.05 2.81 -6.91
N LEU A 20 -13.35 3.52 -7.81
CA LEU A 20 -13.46 3.29 -9.24
C LEU A 20 -12.23 2.53 -9.75
N ALA A 21 -11.06 3.13 -9.58
CA ALA A 21 -9.78 2.50 -9.95
C ALA A 21 -9.66 1.07 -9.42
N GLU A 22 -9.85 0.92 -8.10
CA GLU A 22 -9.75 -0.37 -7.43
C GLU A 22 -10.90 -1.29 -7.84
N GLU A 23 -11.98 -0.70 -8.35
CA GLU A 23 -13.09 -1.47 -8.90
C GLU A 23 -12.92 -1.72 -10.42
N VAL A 24 -11.77 -1.28 -10.95
CA VAL A 24 -11.36 -1.56 -12.33
C VAL A 24 -10.30 -2.68 -12.34
N ARG A 25 -9.56 -2.83 -11.24
CA ARG A 25 -8.61 -3.94 -11.07
C ARG A 25 -9.31 -5.29 -10.94
N GLU A 26 -10.51 -5.27 -10.38
CA GLU A 26 -11.31 -6.46 -10.18
C GLU A 26 -11.52 -7.22 -11.47
N HIS A 27 -11.96 -6.49 -12.49
CA HIS A 27 -12.34 -7.06 -13.78
C HIS A 27 -11.10 -7.30 -14.60
N GLN A 28 -10.07 -6.51 -14.35
CA GLN A 28 -8.76 -6.71 -14.96
C GLN A 28 -8.10 -7.99 -14.45
N PHE A 29 -8.32 -8.31 -13.18
CA PHE A 29 -7.92 -9.61 -12.64
C PHE A 29 -8.71 -10.68 -13.40
N ARG A 30 -10.03 -10.64 -13.26
CA ARG A 30 -10.90 -11.66 -13.85
C ARG A 30 -10.67 -11.89 -15.34
N TYR A 31 -10.54 -10.81 -16.10
CA TYR A 31 -10.41 -10.90 -17.53
C TYR A 31 -9.11 -11.58 -17.91
N TYR A 32 -7.99 -11.01 -17.47
CA TYR A 32 -6.67 -11.54 -17.84
C TYR A 32 -6.29 -12.84 -17.09
N VAL A 33 -6.43 -12.83 -15.77
CA VAL A 33 -5.96 -13.94 -14.92
C VAL A 33 -6.82 -15.21 -14.97
N ARG A 34 -8.03 -15.11 -15.49
CA ARG A 34 -8.99 -16.19 -15.32
C ARG A 34 -9.69 -16.70 -16.60
N ASP A 35 -9.61 -15.92 -17.68
CA ASP A 35 -10.43 -16.16 -18.90
C ASP A 35 -11.90 -16.32 -18.52
N ALA A 36 -12.39 -15.45 -17.63
CA ALA A 36 -13.75 -15.57 -17.08
C ALA A 36 -14.35 -14.23 -16.65
N PRO A 37 -14.50 -13.29 -17.59
CA PRO A 37 -15.02 -11.95 -17.27
C PRO A 37 -16.48 -11.96 -16.87
N ILE A 38 -16.84 -10.97 -16.04
CA ILE A 38 -18.18 -10.87 -15.46
C ILE A 38 -19.10 -9.85 -16.18
N ILE A 39 -18.53 -8.77 -16.73
CA ILE A 39 -19.35 -7.75 -17.37
C ILE A 39 -19.16 -7.57 -18.88
N SER A 40 -20.11 -6.83 -19.45
CA SER A 40 -20.42 -6.86 -20.89
C SER A 40 -19.31 -6.55 -21.88
N ASP A 41 -18.42 -5.62 -21.54
CA ASP A 41 -17.51 -5.03 -22.54
C ASP A 41 -16.35 -5.96 -22.99
N ALA A 42 -15.11 -5.48 -22.87
CA ALA A 42 -13.90 -6.24 -23.23
C ALA A 42 -13.82 -6.63 -24.72
N GLU A 43 -12.81 -6.13 -25.44
CA GLU A 43 -11.65 -5.47 -24.83
C GLU A 43 -11.89 -4.11 -24.15
N PHE A 44 -12.57 -3.18 -24.83
CA PHE A 44 -12.75 -1.82 -24.27
C PHE A 44 -13.91 -1.69 -23.28
N ASP A 45 -13.61 -1.17 -22.10
CA ASP A 45 -14.61 -0.69 -21.14
C ASP A 45 -15.11 0.65 -21.69
N GLU A 46 -16.18 1.29 -21.20
CA GLU A 46 -16.65 1.43 -19.79
C GLU A 46 -15.57 1.68 -18.73
N LEU A 47 -15.97 1.87 -17.46
CA LEU A 47 -15.11 2.48 -16.41
C LEU A 47 -13.60 2.40 -16.65
N LEU A 48 -13.06 3.39 -17.39
CA LEU A 48 -11.65 3.42 -17.80
C LEU A 48 -11.08 4.53 -18.73
N ARG A 49 -11.83 5.44 -19.38
CA ARG A 49 -13.26 5.82 -19.28
C ARG A 49 -13.44 6.97 -18.27
N ARG A 50 -14.60 6.98 -17.60
CA ARG A 50 -14.93 7.91 -16.54
C ARG A 50 -13.82 8.01 -15.48
N LEU A 51 -12.96 6.99 -15.47
CA LEU A 51 -11.76 6.97 -14.64
C LEU A 51 -10.65 7.77 -15.31
N GLU A 52 -10.29 7.38 -16.53
CA GLU A 52 -9.23 8.06 -17.29
C GLU A 52 -9.45 9.57 -17.35
N ALA A 53 -10.66 9.98 -17.71
CA ALA A 53 -11.02 11.39 -17.78
C ALA A 53 -10.86 12.09 -16.44
N LEU A 54 -11.27 11.43 -15.36
CA LEU A 54 -11.18 12.00 -14.00
C LEU A 54 -9.74 12.27 -13.54
N GLU A 55 -8.83 11.37 -13.91
CA GLU A 55 -7.44 11.43 -13.48
C GLU A 55 -6.69 12.61 -14.10
N GLU A 56 -7.20 13.10 -15.23
CA GLU A 56 -6.57 14.19 -16.00
C GLU A 56 -6.99 15.56 -15.49
N GLN A 57 -8.03 15.56 -14.65
CA GLN A 57 -8.80 16.75 -14.31
C GLN A 57 -9.91 16.23 -13.38
N HIS A 58 -9.62 15.96 -12.10
CA HIS A 58 -8.51 16.49 -11.30
C HIS A 58 -7.19 15.72 -11.36
N PRO A 59 -6.17 16.30 -12.04
CA PRO A 59 -4.91 15.66 -12.49
C PRO A 59 -3.99 15.03 -11.43
N GLU A 60 -4.17 15.38 -10.14
CA GLU A 60 -3.26 14.94 -9.07
C GLU A 60 -3.48 13.52 -8.56
N LEU A 61 -4.53 12.86 -9.05
CA LEU A 61 -4.88 11.50 -8.63
C LEU A 61 -4.07 10.41 -9.32
N ARG A 62 -3.22 10.79 -10.28
CA ARG A 62 -2.41 9.83 -11.03
C ARG A 62 -1.34 9.15 -10.17
N THR A 63 -1.15 7.85 -10.40
CA THR A 63 -0.15 7.07 -9.69
C THR A 63 0.45 5.96 -10.58
N PRO A 64 1.75 5.67 -10.42
CA PRO A 64 2.43 4.63 -11.19
C PRO A 64 1.65 3.33 -11.23
N ASP A 65 0.92 3.03 -10.15
CA ASP A 65 0.17 1.78 -10.02
C ASP A 65 -1.33 1.94 -10.26
N SER A 66 -1.72 2.98 -11.00
CA SER A 66 -3.11 3.09 -11.42
C SER A 66 -3.35 2.18 -12.62
N PRO A 67 -4.56 1.59 -12.72
CA PRO A 67 -4.84 0.68 -13.83
C PRO A 67 -5.17 1.44 -15.11
N THR A 68 -5.07 2.77 -15.05
CA THR A 68 -5.33 3.66 -16.17
C THR A 68 -4.01 4.32 -16.63
N GLN A 69 -2.95 3.53 -16.52
CA GLN A 69 -1.62 3.80 -17.09
C GLN A 69 -0.76 2.58 -16.78
N LEU A 70 -1.40 1.42 -16.96
CA LEU A 70 -0.84 0.10 -16.67
C LEU A 70 -1.67 -0.93 -17.44
N VAL A 71 -1.08 -2.11 -17.70
CA VAL A 71 -1.80 -3.21 -18.34
C VAL A 71 -1.25 -4.58 -17.91
N GLY A 72 0.06 -4.61 -17.61
CA GLY A 72 0.81 -5.85 -17.33
C GLY A 72 0.05 -6.97 -16.68
N GLY A 73 0.07 -8.14 -17.32
CA GLY A 73 -0.52 -9.38 -16.79
C GLY A 73 0.06 -9.76 -15.43
N ALA A 74 0.74 -10.90 -15.33
CA ALA A 74 0.82 -11.96 -16.35
C ALA A 74 0.34 -13.31 -15.77
N GLY A 75 1.05 -14.39 -16.06
CA GLY A 75 0.62 -15.75 -15.65
C GLY A 75 1.75 -16.60 -15.10
N PHE A 76 1.47 -17.34 -14.03
CA PHE A 76 2.48 -18.00 -13.18
C PHE A 76 3.72 -18.58 -13.87
N ALA A 77 4.88 -18.32 -13.28
CA ALA A 77 6.15 -18.83 -13.81
C ALA A 77 7.15 -19.39 -12.76
N THR A 78 6.94 -19.17 -11.45
CA THR A 78 5.78 -18.45 -10.92
C THR A 78 5.96 -16.94 -10.93
N ASP A 79 5.03 -16.25 -11.59
CA ASP A 79 4.73 -14.86 -11.26
C ASP A 79 3.37 -14.80 -10.57
N PHE A 80 2.34 -15.42 -11.17
CA PHE A 80 1.00 -15.57 -10.56
C PHE A 80 -0.14 -16.19 -11.41
N GLU A 81 -0.87 -17.15 -10.82
CA GLU A 81 -2.13 -17.70 -11.36
C GLU A 81 -3.15 -17.95 -10.20
N PRO A 82 -4.48 -18.01 -10.51
CA PRO A 82 -5.49 -17.83 -9.45
C PRO A 82 -5.56 -18.88 -8.35
N VAL A 83 -5.78 -18.41 -7.12
CA VAL A 83 -6.07 -19.26 -5.96
C VAL A 83 -7.54 -18.98 -5.56
N ASP A 84 -7.79 -18.79 -4.26
CA ASP A 84 -9.14 -18.73 -3.71
C ASP A 84 -9.03 -18.32 -2.25
N HIS A 85 -9.48 -17.13 -1.90
CA HIS A 85 -9.46 -16.68 -0.51
C HIS A 85 -10.54 -17.40 0.26
N LEU A 86 -10.23 -17.83 1.49
CA LEU A 86 -11.13 -18.67 2.24
C LEU A 86 -12.37 -17.90 2.68
N GLU A 87 -12.21 -16.60 2.86
CA GLU A 87 -13.28 -15.72 3.31
C GLU A 87 -13.28 -14.49 2.41
N ARG A 88 -14.40 -13.77 2.41
CA ARG A 88 -14.58 -12.44 1.80
C ARG A 88 -13.34 -11.80 1.16
N MET A 89 -12.46 -11.24 2.00
CA MET A 89 -11.29 -10.43 1.58
C MET A 89 -11.66 -9.05 0.98
N LEU A 90 -12.19 -8.16 1.83
CA LEU A 90 -12.75 -6.87 1.41
C LEU A 90 -11.96 -5.61 1.78
N SER A 91 -12.41 -4.47 1.23
CA SER A 91 -11.75 -3.17 1.44
C SER A 91 -12.14 -2.48 2.74
N LEU A 92 -11.84 -1.19 2.82
CA LEU A 92 -12.13 -0.38 4.00
C LEU A 92 -12.83 0.90 3.59
N ASP A 93 -13.82 1.30 4.39
CA ASP A 93 -14.49 2.55 4.17
C ASP A 93 -13.54 3.66 4.56
N ASN A 94 -13.71 4.84 3.99
CA ASN A 94 -12.74 5.93 4.20
C ASN A 94 -13.27 7.17 4.95
N ALA A 95 -12.59 7.49 6.06
CA ALA A 95 -12.86 8.72 6.80
C ALA A 95 -12.15 9.90 6.15
N PHE A 96 -12.95 10.90 5.79
CA PHE A 96 -12.46 12.14 5.15
C PHE A 96 -11.30 12.79 5.91
N THR A 97 -10.42 13.43 5.16
CA THR A 97 -9.00 13.47 5.53
C THR A 97 -8.54 13.64 7.00
N ALA A 98 -8.91 14.66 7.79
CA ALA A 98 -9.83 15.81 7.59
C ALA A 98 -11.31 15.55 7.78
N ASP A 99 -11.69 15.53 9.07
CA ASP A 99 -13.05 15.78 9.58
C ASP A 99 -13.76 14.62 10.28
N GLU A 100 -15.08 14.63 10.14
CA GLU A 100 -16.03 13.71 10.73
C GLU A 100 -16.58 12.80 9.60
N LEU A 101 -16.42 11.47 9.66
CA LEU A 101 -16.17 10.66 10.88
C LEU A 101 -17.16 10.99 12.01
N ALA A 102 -17.02 10.30 13.14
CA ALA A 102 -18.06 10.29 14.16
C ALA A 102 -19.38 9.81 13.56
N ALA A 103 -19.71 10.29 12.36
CA ALA A 103 -20.82 9.74 11.60
C ALA A 103 -20.70 8.22 11.66
N TRP A 104 -19.45 7.76 11.69
CA TRP A 104 -19.12 6.35 11.91
C TRP A 104 -19.32 5.98 13.37
N ALA A 105 -18.62 6.68 14.26
CA ALA A 105 -18.70 6.41 15.69
C ALA A 105 -20.12 6.59 16.26
N GLY A 106 -20.95 7.35 15.55
CA GLY A 106 -22.35 7.54 15.89
C GLY A 106 -23.23 6.58 15.12
N ARG A 107 -22.66 5.97 14.09
CA ARG A 107 -23.31 4.86 13.38
C ARG A 107 -23.32 3.66 14.31
N ILE A 108 -22.46 3.72 15.32
CA ILE A 108 -22.35 2.71 16.39
C ILE A 108 -23.47 2.85 17.45
N HIS A 109 -23.86 4.09 17.74
CA HIS A 109 -25.16 4.38 18.35
C HIS A 109 -26.14 3.26 18.00
N ALA A 110 -26.18 2.93 16.71
CA ALA A 110 -27.13 1.96 16.14
C ALA A 110 -27.23 0.67 16.94
N GLU A 111 -26.21 -0.17 16.85
CA GLU A 111 -26.35 -1.55 17.31
C GLU A 111 -25.13 -2.14 18.05
N VAL A 112 -24.25 -1.27 18.54
CA VAL A 112 -23.12 -1.75 19.34
C VAL A 112 -23.36 -1.58 20.84
N GLY A 113 -23.96 -0.44 21.20
CA GLY A 113 -24.08 -0.06 22.58
C GLY A 113 -22.79 0.63 22.98
N ASP A 114 -22.77 1.94 22.73
CA ASP A 114 -21.65 2.86 23.01
C ASP A 114 -20.83 2.51 24.29
N ALA A 115 -20.08 1.43 24.16
CA ALA A 115 -19.27 0.78 25.18
C ALA A 115 -18.79 -0.45 24.44
N ALA A 116 -17.86 -0.19 23.51
CA ALA A 116 -17.38 -1.13 22.49
C ALA A 116 -15.87 -1.34 22.64
N HIS A 117 -15.04 -0.43 22.10
CA HIS A 117 -13.56 -0.42 22.26
C HIS A 117 -12.81 -0.40 20.92
N TYR A 118 -12.10 0.70 20.63
CA TYR A 118 -11.57 0.92 19.29
C TYR A 118 -10.09 0.59 19.13
N LEU A 119 -9.76 -0.23 18.15
CA LEU A 119 -8.35 -0.57 17.90
C LEU A 119 -7.72 0.33 16.82
N CYS A 120 -6.65 1.01 17.21
CA CYS A 120 -5.98 1.98 16.37
C CYS A 120 -4.70 1.45 15.77
N GLU A 121 -4.78 1.10 14.48
CA GLU A 121 -3.59 0.63 13.79
C GLU A 121 -3.17 1.51 12.62
N LEU A 122 -1.85 1.59 12.43
CA LEU A 122 -1.24 2.33 11.35
C LEU A 122 -1.51 1.62 10.04
N LYS A 123 -1.95 2.39 9.02
CA LYS A 123 -2.33 1.87 7.70
C LYS A 123 -1.30 2.17 6.68
N ILE A 124 -0.55 1.17 6.25
CA ILE A 124 0.65 1.39 5.51
C ILE A 124 0.45 1.27 4.06
N ASP A 125 1.54 1.48 3.35
CA ASP A 125 1.58 1.44 1.92
C ASP A 125 2.31 0.17 1.57
N GLY A 126 1.78 -0.55 0.62
CA GLY A 126 2.33 -1.84 0.24
C GLY A 126 1.29 -2.74 -0.40
N VAL A 127 1.73 -3.93 -0.80
CA VAL A 127 0.85 -4.90 -1.46
C VAL A 127 0.17 -5.87 -0.49
N ALA A 128 -1.17 -5.87 -0.53
CA ALA A 128 -1.99 -6.81 0.24
C ALA A 128 -1.54 -8.24 0.01
N LEU A 129 -1.45 -9.00 1.09
CA LEU A 129 -0.96 -10.37 1.00
C LEU A 129 -1.73 -11.18 2.04
N SER A 130 -2.54 -12.12 1.54
CA SER A 130 -3.26 -13.05 2.40
C SER A 130 -2.42 -14.28 2.48
N LEU A 131 -2.34 -14.86 3.67
CA LEU A 131 -1.52 -16.05 3.94
C LEU A 131 -2.38 -17.17 4.47
N VAL A 132 -2.08 -18.41 4.06
CA VAL A 132 -2.85 -19.54 4.55
C VAL A 132 -2.00 -20.61 5.24
N TYR A 133 -2.26 -20.79 6.54
CA TYR A 133 -1.54 -21.75 7.37
C TYR A 133 -2.44 -22.86 7.89
N ARG A 134 -2.43 -24.00 7.21
CA ARG A 134 -3.17 -25.16 7.67
C ARG A 134 -2.32 -25.94 8.65
N GLU A 135 -2.86 -26.21 9.84
CA GLU A 135 -2.15 -26.99 10.87
C GLU A 135 -0.69 -26.55 11.10
N GLY A 136 -0.42 -25.27 10.87
CA GLY A 136 0.91 -24.72 11.11
C GLY A 136 1.84 -24.76 9.92
N ARG A 137 1.42 -25.44 8.86
CA ARG A 137 2.18 -25.46 7.63
C ARG A 137 1.56 -24.44 6.71
N LEU A 138 2.32 -23.41 6.35
CA LEU A 138 1.92 -22.44 5.34
C LEU A 138 1.67 -23.14 4.02
N THR A 139 0.44 -23.06 3.51
CA THR A 139 0.11 -23.71 2.24
C THR A 139 0.08 -22.70 1.09
N ARG A 140 -0.96 -21.88 0.98
CA ARG A 140 -0.91 -20.83 -0.03
C ARG A 140 -0.82 -19.41 0.51
N ALA A 141 -0.28 -18.52 -0.31
CA ALA A 141 -0.13 -17.12 0.02
C ALA A 141 -0.37 -16.39 -1.27
N SER A 142 -1.46 -15.64 -1.35
CA SER A 142 -1.85 -15.04 -2.61
C SER A 142 -2.08 -13.56 -2.51
N THR A 143 -2.04 -12.86 -3.64
CA THR A 143 -2.33 -11.42 -3.68
C THR A 143 -3.83 -11.19 -3.46
N ARG A 144 -4.30 -9.95 -3.62
CA ARG A 144 -5.72 -9.61 -3.36
C ARG A 144 -6.66 -10.25 -4.36
N GLY A 145 -6.30 -10.15 -5.64
CA GLY A 145 -7.17 -10.60 -6.72
C GLY A 145 -8.38 -9.71 -6.86
N ASP A 146 -9.55 -10.31 -6.80
CA ASP A 146 -10.80 -9.57 -6.80
C ASP A 146 -11.53 -9.91 -5.52
N GLY A 147 -10.79 -9.96 -4.42
CA GLY A 147 -11.37 -10.25 -3.14
C GLY A 147 -11.67 -11.73 -3.00
N ARG A 148 -12.41 -12.30 -3.95
CA ARG A 148 -12.85 -13.70 -3.88
C ARG A 148 -11.72 -14.68 -4.13
N THR A 149 -10.86 -14.34 -5.09
CA THR A 149 -9.78 -15.22 -5.57
C THR A 149 -8.58 -14.40 -6.07
N GLY A 150 -7.36 -14.85 -5.76
CA GLY A 150 -6.15 -14.07 -6.02
C GLY A 150 -5.01 -14.82 -6.72
N GLU A 151 -3.85 -14.19 -6.82
CA GLU A 151 -2.71 -14.74 -7.57
C GLU A 151 -1.79 -15.54 -6.65
N ASP A 152 -1.57 -16.82 -6.95
CA ASP A 152 -0.83 -17.75 -6.06
C ASP A 152 0.65 -17.40 -5.91
N VAL A 153 0.96 -16.36 -5.17
CA VAL A 153 2.34 -15.97 -5.04
C VAL A 153 3.08 -16.74 -3.94
N THR A 154 2.65 -17.98 -3.64
CA THR A 154 3.17 -18.68 -2.45
C THR A 154 4.67 -18.87 -2.44
N LEU A 155 5.22 -19.33 -3.55
CA LEU A 155 6.64 -19.60 -3.67
C LEU A 155 7.44 -18.34 -3.40
N ASN A 156 6.96 -17.22 -3.94
CA ASN A 156 7.69 -15.95 -3.82
C ASN A 156 7.69 -15.32 -2.44
N ALA A 157 6.64 -15.58 -1.65
CA ALA A 157 6.53 -15.03 -0.31
C ALA A 157 7.17 -15.99 0.68
N ARG A 158 7.13 -17.28 0.33
CA ARG A 158 7.84 -18.33 1.05
C ARG A 158 9.27 -17.90 1.35
N THR A 159 9.86 -17.16 0.40
CA THR A 159 11.20 -16.60 0.56
C THR A 159 11.12 -15.61 1.70
N ILE A 160 11.16 -16.13 2.93
CA ILE A 160 10.74 -15.43 4.19
C ILE A 160 10.74 -13.85 4.12
N ALA A 161 11.55 -13.13 4.92
CA ALA A 161 12.16 -13.63 6.12
C ALA A 161 11.21 -13.37 7.29
N ASP A 162 10.20 -12.53 7.06
CA ASP A 162 9.21 -12.25 8.09
C ASP A 162 8.06 -13.25 8.08
N VAL A 163 7.95 -14.10 7.06
CA VAL A 163 6.76 -14.96 6.92
C VAL A 163 7.03 -16.48 7.06
N PRO A 164 6.94 -17.02 8.29
CA PRO A 164 7.46 -18.36 8.59
C PRO A 164 6.83 -19.52 7.78
N GLU A 165 7.56 -20.63 7.65
CA GLU A 165 7.01 -21.83 6.99
C GLU A 165 6.10 -22.58 7.97
N ARG A 166 6.30 -22.28 9.25
CA ARG A 166 5.72 -23.01 10.38
C ARG A 166 5.23 -22.02 11.44
N LEU A 167 4.45 -22.50 12.40
CA LEU A 167 3.99 -21.64 13.50
C LEU A 167 4.43 -22.18 14.86
N THR A 168 5.41 -21.51 15.47
CA THR A 168 5.98 -21.94 16.75
C THR A 168 4.92 -22.15 17.85
N PRO A 169 4.81 -23.41 18.36
CA PRO A 169 3.68 -23.86 19.19
C PRO A 169 3.76 -23.78 20.75
N GLY A 170 2.58 -23.64 21.35
CA GLY A 170 2.33 -24.08 22.72
C GLY A 170 2.68 -23.17 23.88
N ASP A 171 1.66 -22.88 24.69
CA ASP A 171 1.70 -22.13 25.97
C ASP A 171 0.61 -21.01 26.05
N ASP A 172 -0.44 -21.33 25.30
CA ASP A 172 -1.84 -20.91 25.43
C ASP A 172 -2.38 -20.55 24.05
N TYR A 173 -1.55 -20.73 23.02
CA TYR A 173 -2.02 -20.46 21.67
C TYR A 173 -1.78 -21.66 20.72
N PRO A 174 -2.67 -22.66 20.82
CA PRO A 174 -2.54 -23.88 20.03
C PRO A 174 -2.91 -23.62 18.58
N VAL A 175 -1.95 -23.82 17.69
CA VAL A 175 -2.13 -23.54 16.25
C VAL A 175 -3.48 -24.02 15.71
N PRO A 176 -4.29 -23.08 15.16
CA PRO A 176 -5.61 -23.41 14.61
C PRO A 176 -5.49 -24.44 13.50
N GLU A 177 -6.47 -25.35 13.38
CA GLU A 177 -6.46 -26.35 12.30
C GLU A 177 -6.24 -25.66 10.95
N VAL A 178 -6.98 -24.57 10.73
CA VAL A 178 -6.70 -23.63 9.63
C VAL A 178 -6.67 -22.18 10.13
N LEU A 179 -5.64 -21.43 9.75
CA LEU A 179 -5.51 -19.97 10.02
C LEU A 179 -5.18 -19.16 8.78
N GLU A 180 -6.08 -18.25 8.42
CA GLU A 180 -5.86 -17.35 7.30
C GLU A 180 -5.68 -15.92 7.74
N VAL A 181 -4.43 -15.51 7.90
CA VAL A 181 -4.11 -14.12 8.16
C VAL A 181 -3.90 -13.34 6.86
N ARG A 182 -3.76 -12.03 7.00
CA ARG A 182 -3.91 -11.11 5.91
C ARG A 182 -3.14 -9.87 6.31
N GLY A 183 -2.25 -9.43 5.44
CA GLY A 183 -1.32 -8.36 5.81
C GLY A 183 -0.74 -7.67 4.61
N GLU A 184 0.21 -6.79 4.86
CA GLU A 184 0.70 -5.81 3.89
C GLU A 184 2.18 -5.97 3.66
N VAL A 185 2.56 -6.38 2.45
CA VAL A 185 3.97 -6.50 2.05
C VAL A 185 4.49 -5.17 1.57
N PHE A 186 5.65 -4.78 2.11
CA PHE A 186 6.25 -3.48 1.82
C PHE A 186 7.79 -3.51 1.83
N PHE A 187 8.38 -2.50 1.19
CA PHE A 187 9.82 -2.22 1.27
C PHE A 187 10.10 -1.14 2.29
N ARG A 188 11.20 -1.29 3.03
CA ARG A 188 11.65 -0.22 3.94
C ARG A 188 12.23 0.97 3.18
N LEU A 189 11.80 2.17 3.57
CA LEU A 189 12.04 3.41 2.82
C LEU A 189 13.46 3.56 2.28
N ASP A 190 14.44 3.41 3.18
CA ASP A 190 15.87 3.52 2.85
C ASP A 190 16.31 2.45 1.84
N ASP A 191 16.10 1.18 2.18
CA ASP A 191 16.55 0.09 1.30
C ASP A 191 15.55 -0.31 0.21
N PHE A 192 14.57 0.57 -0.01
CA PHE A 192 13.89 0.64 -1.30
C PHE A 192 14.88 1.30 -2.23
N GLN A 193 15.48 2.40 -1.75
CA GLN A 193 16.43 3.21 -2.51
C GLN A 193 17.76 2.50 -2.73
N ALA A 194 18.19 1.75 -1.72
CA ALA A 194 19.43 0.99 -1.78
C ALA A 194 19.34 -0.21 -2.75
N LEU A 195 18.16 -0.42 -3.33
CA LEU A 195 17.99 -1.39 -4.41
C LEU A 195 17.80 -0.62 -5.71
N ASN A 196 16.97 0.42 -5.62
CA ASN A 196 16.60 1.26 -6.77
C ASN A 196 17.81 1.69 -7.60
N ALA A 197 18.96 1.77 -6.93
CA ALA A 197 20.22 2.12 -7.56
C ALA A 197 21.07 0.87 -7.78
N SER A 198 21.08 -0.02 -6.77
CA SER A 198 21.83 -1.28 -6.85
C SER A 198 21.61 -1.99 -8.18
N LEU A 199 20.36 -1.99 -8.66
CA LEU A 199 20.13 -2.31 -10.07
C LEU A 199 20.36 -1.06 -10.92
N VAL A 200 19.30 -0.29 -11.14
CA VAL A 200 19.23 0.74 -12.19
C VAL A 200 18.89 0.02 -13.52
N GLU A 201 19.83 -0.78 -14.01
CA GLU A 201 19.65 -1.50 -15.26
C GLU A 201 19.74 -2.99 -15.02
N GLU A 202 20.77 -3.62 -15.59
CA GLU A 202 21.02 -5.07 -15.46
C GLU A 202 19.75 -5.93 -15.63
N GLY A 203 18.97 -5.64 -16.68
CA GLY A 203 17.68 -6.28 -16.94
C GLY A 203 16.56 -5.24 -16.86
N LYS A 204 16.00 -5.09 -15.66
CA LYS A 204 14.93 -4.11 -15.37
C LYS A 204 15.40 -2.64 -15.38
N ALA A 205 14.69 -1.81 -14.63
CA ALA A 205 14.97 -0.39 -14.54
C ALA A 205 14.71 0.08 -13.10
N PRO A 206 14.82 1.40 -12.82
CA PRO A 206 14.47 1.81 -11.47
C PRO A 206 12.96 1.89 -11.27
N PHE A 207 12.50 1.45 -10.09
CA PHE A 207 11.12 1.63 -9.67
C PHE A 207 10.82 3.09 -9.31
N ALA A 208 9.53 3.44 -9.34
CA ALA A 208 9.08 4.73 -8.80
C ALA A 208 9.01 4.63 -7.28
N ASN A 209 7.80 4.49 -6.74
CA ASN A 209 7.60 4.36 -5.31
C ASN A 209 7.96 2.98 -4.73
N PRO A 210 8.10 2.86 -3.40
CA PRO A 210 8.25 1.55 -2.79
C PRO A 210 6.93 0.77 -2.87
N ARG A 211 5.82 1.50 -2.97
CA ARG A 211 4.50 0.91 -3.18
C ARG A 211 4.50 0.05 -4.47
N ASN A 212 5.14 0.55 -5.52
CA ASN A 212 5.32 -0.22 -6.76
C ASN A 212 6.55 -1.14 -6.71
N SER A 213 7.58 -0.74 -5.97
CA SER A 213 8.76 -1.58 -5.80
C SER A 213 8.38 -2.91 -5.14
N ALA A 214 7.51 -2.84 -4.13
CA ALA A 214 7.10 -4.02 -3.39
C ALA A 214 6.29 -4.96 -4.28
N ALA A 215 5.44 -4.39 -5.14
CA ALA A 215 4.66 -5.19 -6.09
C ALA A 215 5.59 -5.97 -7.04
N GLY A 216 6.48 -5.27 -7.73
CA GLY A 216 7.41 -5.90 -8.66
C GLY A 216 8.24 -7.04 -8.09
N SER A 217 8.75 -6.86 -6.89
CA SER A 217 9.63 -7.87 -6.32
C SER A 217 8.87 -9.11 -5.88
N LEU A 218 7.62 -8.90 -5.48
CA LEU A 218 6.76 -9.99 -5.07
C LEU A 218 6.47 -10.90 -6.26
N ARG A 219 6.09 -10.28 -7.38
CA ARG A 219 5.67 -11.00 -8.60
C ARG A 219 6.79 -11.54 -9.51
N GLN A 220 7.94 -11.87 -8.96
CA GLN A 220 9.03 -12.42 -9.77
C GLN A 220 8.73 -13.81 -10.27
N LYS A 221 9.36 -14.18 -11.39
CA LYS A 221 9.19 -15.50 -12.00
C LYS A 221 10.11 -16.46 -11.29
N ASP A 222 11.36 -16.02 -11.12
CA ASP A 222 12.33 -16.75 -10.33
C ASP A 222 12.26 -16.27 -8.88
N PRO A 223 11.93 -17.19 -7.95
CA PRO A 223 11.90 -16.83 -6.54
C PRO A 223 13.30 -16.56 -5.96
N ALA A 224 14.35 -16.73 -6.75
CA ALA A 224 15.71 -16.42 -6.30
C ALA A 224 15.89 -14.91 -6.25
N VAL A 225 15.24 -14.24 -7.20
CA VAL A 225 15.23 -12.78 -7.28
C VAL A 225 14.69 -12.20 -5.97
N THR A 226 13.54 -12.72 -5.53
CA THR A 226 12.83 -12.18 -4.38
C THR A 226 13.42 -12.67 -3.05
N ALA A 227 14.36 -13.60 -3.13
CA ALA A 227 15.01 -14.09 -1.91
C ALA A 227 16.18 -13.17 -1.53
N ARG A 228 16.59 -12.31 -2.47
CA ARG A 228 17.68 -11.34 -2.25
C ARG A 228 17.20 -9.94 -1.79
N ARG A 229 16.17 -9.39 -2.44
CA ARG A 229 15.50 -8.18 -1.94
C ARG A 229 14.84 -8.55 -0.61
N ARG A 230 14.68 -7.59 0.30
CA ARG A 230 14.24 -7.96 1.64
C ARG A 230 12.72 -8.16 1.75
N LEU A 231 11.96 -7.11 1.45
CA LEU A 231 10.50 -7.12 1.65
C LEU A 231 10.17 -7.24 3.13
N ARG A 232 9.06 -6.63 3.51
CA ARG A 232 8.63 -6.72 4.89
C ARG A 232 7.17 -7.19 4.96
N MET A 233 6.85 -7.92 6.02
CA MET A 233 5.51 -8.41 6.20
C MET A 233 4.95 -7.99 7.55
N ILE A 234 3.74 -7.42 7.54
CA ILE A 234 3.01 -7.00 8.76
C ILE A 234 1.55 -7.45 8.74
N CYS A 235 1.25 -8.47 9.53
CA CYS A 235 -0.07 -9.07 9.58
C CYS A 235 -0.99 -8.11 10.32
N HIS A 236 -2.14 -7.78 9.71
CA HIS A 236 -3.07 -6.79 10.27
C HIS A 236 -4.54 -7.20 10.27
N GLY A 237 -4.83 -8.49 10.41
CA GLY A 237 -6.20 -8.97 10.53
C GLY A 237 -6.38 -10.44 10.26
N LEU A 238 -7.58 -10.95 10.53
CA LEU A 238 -7.91 -12.37 10.32
C LEU A 238 -8.90 -12.57 9.16
N GLY A 239 -8.74 -13.71 8.49
CA GLY A 239 -9.71 -14.14 7.49
C GLY A 239 -10.40 -15.32 8.14
N HIS A 240 -10.56 -16.41 7.38
CA HIS A 240 -11.13 -17.63 7.91
C HIS A 240 -10.25 -18.25 9.02
N VAL A 241 -10.93 -18.92 9.94
CA VAL A 241 -10.33 -19.48 11.13
C VAL A 241 -11.17 -20.71 11.51
N GLU A 242 -10.50 -21.70 12.10
CA GLU A 242 -11.10 -22.94 12.60
C GLU A 242 -10.31 -23.39 13.81
N GLY A 243 -10.98 -23.48 14.96
CA GLY A 243 -10.34 -23.92 16.19
C GLY A 243 -9.46 -22.85 16.80
N PHE A 244 -9.94 -21.61 16.76
CA PHE A 244 -9.25 -20.48 17.38
C PHE A 244 -10.26 -19.38 17.64
N ARG A 245 -10.19 -18.31 16.85
CA ARG A 245 -10.94 -17.07 17.05
C ARG A 245 -11.00 -16.56 18.51
N PRO A 246 -10.50 -15.35 18.73
CA PRO A 246 -10.41 -14.69 20.04
C PRO A 246 -11.75 -14.22 20.56
N ALA A 247 -11.77 -13.04 21.18
CA ALA A 247 -13.02 -12.34 21.55
C ALA A 247 -12.84 -10.84 21.37
N THR A 248 -11.59 -10.42 21.36
CA THR A 248 -11.21 -9.10 20.89
C THR A 248 -10.05 -9.26 19.91
N LEU A 249 -9.69 -8.19 19.20
CA LEU A 249 -8.63 -8.29 18.21
C LEU A 249 -7.21 -8.43 18.78
N HIS A 250 -7.02 -8.78 20.06
CA HIS A 250 -5.71 -8.48 20.64
C HIS A 250 -5.07 -9.22 21.86
N GLN A 251 -5.52 -10.37 22.40
CA GLN A 251 -6.27 -11.47 21.81
C GLN A 251 -5.68 -11.98 20.52
N ALA A 252 -6.19 -11.58 19.36
CA ALA A 252 -5.66 -12.09 18.11
C ALA A 252 -4.16 -11.77 17.86
N TYR A 253 -3.66 -10.67 18.43
CA TYR A 253 -2.29 -10.17 18.18
C TYR A 253 -1.19 -10.66 19.11
N LEU A 254 -1.56 -11.04 20.34
CA LEU A 254 -0.63 -11.72 21.23
C LEU A 254 -0.40 -13.11 20.64
N ALA A 255 -1.51 -13.74 20.25
CA ALA A 255 -1.49 -15.02 19.55
C ALA A 255 -0.66 -14.91 18.28
N LEU A 256 -0.88 -13.85 17.52
CA LEU A 256 -0.16 -13.65 16.25
C LEU A 256 1.34 -13.46 16.37
N ARG A 257 1.86 -13.21 17.57
CA ARG A 257 3.31 -13.34 17.75
C ARG A 257 3.75 -14.52 18.55
N ALA A 258 2.88 -15.04 19.43
CA ALA A 258 3.15 -16.33 20.07
C ALA A 258 3.50 -17.33 18.97
N TRP A 259 2.68 -17.31 17.92
CA TRP A 259 2.87 -18.15 16.75
C TRP A 259 3.99 -17.67 15.84
N GLY A 260 4.42 -16.43 16.02
CA GLY A 260 5.58 -15.91 15.31
C GLY A 260 5.26 -15.30 13.96
N LEU A 261 4.16 -14.56 13.90
CA LEU A 261 3.85 -13.76 12.72
C LEU A 261 4.16 -12.30 13.02
N PRO A 262 4.74 -11.61 12.03
CA PRO A 262 5.07 -10.18 12.12
C PRO A 262 3.83 -9.36 12.39
N VAL A 263 3.72 -8.86 13.62
CA VAL A 263 2.70 -7.90 13.98
C VAL A 263 3.37 -6.58 14.31
N SER A 264 2.62 -5.49 14.20
CA SER A 264 3.02 -4.24 14.85
C SER A 264 1.79 -3.70 15.60
N GLU A 265 1.73 -2.42 15.93
CA GLU A 265 2.79 -1.47 15.63
C GLU A 265 3.59 -1.04 16.89
N HIS A 266 3.36 0.12 17.53
CA HIS A 266 2.41 1.20 17.21
C HIS A 266 0.90 0.92 17.25
N THR A 267 0.46 -0.13 17.94
CA THR A 267 -0.99 -0.34 18.11
C THR A 267 -1.45 -0.03 19.56
N THR A 268 -2.35 0.94 19.72
CA THR A 268 -2.71 1.44 21.07
C THR A 268 -3.91 0.80 21.80
N LEU A 269 -5.13 1.01 21.29
CA LEU A 269 -6.39 0.77 22.04
C LEU A 269 -6.40 1.56 23.38
N ALA A 270 -7.24 2.59 23.53
CA ALA A 270 -8.24 3.17 22.59
C ALA A 270 -9.68 2.86 23.01
N THR A 271 -9.95 3.26 24.25
CA THR A 271 -11.22 2.99 24.96
C THR A 271 -12.43 3.71 24.38
N ASP A 272 -12.19 4.75 23.56
CA ASP A 272 -13.25 5.64 23.12
C ASP A 272 -12.78 6.77 22.18
N LEU A 273 -13.73 7.31 21.40
CA LEU A 273 -13.47 8.26 20.32
C LEU A 273 -12.51 9.42 20.60
N ALA A 274 -12.39 9.83 21.87
CA ALA A 274 -11.46 10.89 22.25
C ALA A 274 -10.02 10.46 22.01
N GLY A 275 -9.65 9.30 22.56
CA GLY A 275 -8.32 8.73 22.34
C GLY A 275 -8.04 8.34 20.89
N VAL A 276 -9.09 8.36 20.07
CA VAL A 276 -8.99 8.01 18.67
C VAL A 276 -8.50 9.20 17.83
N ARG A 277 -8.94 10.40 18.17
CA ARG A 277 -8.36 11.60 17.55
C ARG A 277 -6.98 11.90 18.14
N GLU A 278 -6.76 11.40 19.36
CA GLU A 278 -5.47 11.51 20.08
C GLU A 278 -4.32 10.84 19.31
N ARG A 279 -4.67 9.85 18.51
CA ARG A 279 -3.69 9.14 17.71
C ARG A 279 -3.72 9.63 16.27
N ILE A 280 -4.91 9.91 15.74
CA ILE A 280 -5.01 10.46 14.42
C ILE A 280 -4.15 11.73 14.38
N ASP A 281 -4.46 12.71 15.24
CA ASP A 281 -3.71 13.97 15.24
C ASP A 281 -2.25 13.81 15.68
N TYR A 282 -1.91 12.65 16.27
CA TYR A 282 -0.55 12.39 16.74
C TYR A 282 0.30 11.98 15.54
N TRP A 283 -0.13 10.92 14.86
CA TRP A 283 0.41 10.57 13.56
C TRP A 283 -0.11 11.65 12.61
N GLY A 284 0.36 11.68 11.36
CA GLY A 284 0.05 12.80 10.47
C GLY A 284 0.99 13.97 10.77
N GLU A 285 1.07 14.32 12.05
CA GLU A 285 2.16 15.15 12.55
C GLU A 285 3.41 14.28 12.64
N HIS A 286 3.30 13.18 13.39
CA HIS A 286 4.42 12.24 13.59
C HIS A 286 4.58 11.14 12.52
N ARG A 287 3.56 11.00 11.66
CA ARG A 287 3.55 9.98 10.59
C ARG A 287 4.82 9.96 9.72
N HIS A 288 5.40 11.13 9.46
CA HIS A 288 6.53 11.24 8.54
C HIS A 288 7.75 10.47 9.03
N GLU A 289 8.04 10.57 10.32
CA GLU A 289 9.33 10.14 10.87
C GLU A 289 9.52 8.64 11.07
N VAL A 290 8.91 7.80 10.22
CA VAL A 290 9.04 6.35 10.40
C VAL A 290 9.62 5.56 9.21
N ASP A 291 10.22 4.42 9.53
CA ASP A 291 10.74 3.40 8.60
C ASP A 291 10.10 3.25 7.22
N HIS A 292 8.83 3.57 7.10
CA HIS A 292 8.07 3.27 5.88
C HIS A 292 6.76 4.04 5.84
N GLU A 293 6.33 4.33 4.61
CA GLU A 293 5.22 5.22 4.34
C GLU A 293 3.88 4.76 4.95
N ILE A 294 3.17 5.68 5.60
CA ILE A 294 1.83 5.39 6.14
C ILE A 294 0.76 6.38 5.68
N ASP A 295 -0.21 5.88 4.91
CA ASP A 295 -1.27 6.71 4.29
C ASP A 295 -2.27 7.24 5.30
N GLY A 296 -2.30 6.67 6.49
CA GLY A 296 -3.30 7.02 7.46
C GLY A 296 -3.45 5.98 8.54
N VAL A 297 -4.54 6.11 9.28
CA VAL A 297 -4.78 5.29 10.48
C VAL A 297 -6.06 4.49 10.34
N VAL A 298 -5.97 3.19 10.62
CA VAL A 298 -7.12 2.33 10.43
C VAL A 298 -7.66 1.83 11.78
N VAL A 299 -8.97 2.08 11.97
CA VAL A 299 -9.62 2.05 13.27
C VAL A 299 -10.63 0.92 13.25
N LYS A 300 -10.53 0.02 14.22
CA LYS A 300 -11.35 -1.18 14.18
C LYS A 300 -11.98 -1.38 15.55
N VAL A 301 -13.21 -1.86 15.60
CA VAL A 301 -13.85 -2.07 16.89
C VAL A 301 -13.34 -3.39 17.48
N ASP A 302 -12.67 -3.30 18.62
CA ASP A 302 -11.89 -4.40 19.18
C ASP A 302 -12.65 -5.73 19.35
N GLU A 303 -13.82 -5.71 19.98
CA GLU A 303 -14.57 -6.94 20.28
C GLU A 303 -15.12 -7.68 19.05
N VAL A 304 -14.62 -8.90 18.86
CA VAL A 304 -14.97 -9.74 17.70
C VAL A 304 -16.48 -9.90 17.50
N ALA A 305 -17.22 -10.09 18.59
CA ALA A 305 -18.66 -10.27 18.51
C ALA A 305 -19.26 -9.06 17.80
N LEU A 306 -19.20 -7.90 18.44
CA LEU A 306 -19.65 -6.62 17.88
C LEU A 306 -19.36 -6.43 16.38
N GLN A 307 -18.23 -6.94 15.90
CA GLN A 307 -17.87 -6.89 14.48
C GLN A 307 -18.81 -7.68 13.55
N ARG A 308 -19.09 -8.94 13.93
CA ARG A 308 -20.07 -9.76 13.21
C ARG A 308 -21.48 -9.29 13.56
N ARG A 309 -21.61 -8.70 14.74
CA ARG A 309 -22.86 -8.15 15.22
C ARG A 309 -23.24 -6.91 14.41
N LEU A 310 -22.26 -6.09 14.10
CA LEU A 310 -22.47 -4.94 13.24
C LEU A 310 -22.48 -5.37 11.79
N GLY A 311 -21.59 -6.30 11.48
CA GLY A 311 -21.47 -6.85 10.14
C GLY A 311 -20.74 -5.94 9.17
N SER A 312 -20.66 -6.40 7.93
CA SER A 312 -19.97 -5.70 6.85
C SER A 312 -20.88 -5.67 5.63
N THR A 313 -20.34 -5.27 4.49
CA THR A 313 -21.01 -5.50 3.21
C THR A 313 -19.96 -6.13 2.30
N SER A 314 -20.29 -6.36 1.03
CA SER A 314 -19.31 -6.94 0.10
C SER A 314 -18.38 -5.87 -0.51
N ARG A 315 -18.28 -4.73 0.14
CA ARG A 315 -17.32 -3.70 -0.23
C ARG A 315 -16.36 -3.50 0.95
N ALA A 316 -16.91 -3.11 2.09
CA ALA A 316 -16.10 -2.94 3.29
C ALA A 316 -16.88 -3.40 4.52
N PRO A 317 -16.16 -3.59 5.66
CA PRO A 317 -16.89 -3.83 6.91
C PRO A 317 -17.55 -2.56 7.45
N ARG A 318 -18.64 -2.75 8.18
CA ARG A 318 -19.25 -1.67 8.92
C ARG A 318 -18.48 -1.40 10.21
N TRP A 319 -17.78 -2.40 10.74
CA TRP A 319 -17.06 -2.28 12.01
C TRP A 319 -15.68 -1.56 11.97
N ALA A 320 -15.32 -0.96 10.84
CA ALA A 320 -14.05 -0.23 10.74
C ALA A 320 -14.02 0.85 9.67
N ILE A 321 -13.50 2.04 10.02
CA ILE A 321 -13.13 3.03 9.00
C ILE A 321 -11.62 3.19 8.94
N ALA A 322 -11.17 3.54 7.74
CA ALA A 322 -9.78 3.85 7.49
C ALA A 322 -9.72 5.35 7.42
N TYR A 323 -9.09 5.94 8.43
CA TYR A 323 -8.83 7.38 8.43
C TYR A 323 -7.53 7.63 7.66
N LYS A 324 -7.57 8.61 6.76
CA LYS A 324 -6.47 8.79 5.80
C LYS A 324 -5.98 10.23 5.63
N TYR A 325 -4.70 10.42 5.94
CA TYR A 325 -4.05 11.73 5.86
C TYR A 325 -3.89 12.23 4.42
N PRO A 326 -3.39 13.47 4.25
CA PRO A 326 -3.12 13.96 2.90
C PRO A 326 -2.02 13.10 2.26
N PRO A 327 -2.17 12.76 0.96
CA PRO A 327 -1.23 11.88 0.25
C PRO A 327 0.18 12.46 0.24
N GLU A 328 1.17 11.66 0.61
CA GLU A 328 2.54 12.17 0.77
C GLU A 328 3.38 12.09 -0.50
N GLU A 329 2.86 11.45 -1.54
CA GLU A 329 3.56 11.44 -2.81
C GLU A 329 2.63 11.76 -3.97
N ALA A 330 3.24 12.10 -5.09
CA ALA A 330 2.53 12.45 -6.31
C ALA A 330 3.45 12.21 -7.49
N GLN A 331 2.91 12.36 -8.70
CA GLN A 331 3.72 12.15 -9.89
C GLN A 331 3.68 13.36 -10.81
N THR A 332 4.86 13.84 -11.17
CA THR A 332 5.01 15.06 -12.00
C THR A 332 6.23 14.99 -12.92
N LYS A 333 6.30 15.91 -13.89
CA LYS A 333 7.31 15.84 -14.95
C LYS A 333 8.57 16.72 -14.66
N LEU A 334 9.72 16.05 -14.49
CA LEU A 334 11.00 16.66 -14.17
C LEU A 334 11.60 17.50 -15.33
N LEU A 335 11.19 18.76 -15.41
CA LEU A 335 11.49 19.63 -16.55
C LEU A 335 12.97 20.01 -16.72
N ASP A 336 13.63 20.39 -15.64
CA ASP A 336 15.05 20.75 -15.67
C ASP A 336 15.62 20.79 -14.27
N ILE A 337 16.61 19.94 -14.03
CA ILE A 337 17.42 20.07 -12.83
C ILE A 337 18.42 21.18 -13.08
N ARG A 338 18.15 22.38 -12.57
CA ARG A 338 19.17 23.43 -12.52
C ARG A 338 19.95 23.33 -11.19
N VAL A 339 20.43 24.46 -10.67
CA VAL A 339 21.26 24.41 -9.45
C VAL A 339 20.91 25.50 -8.39
N ASN A 340 21.69 25.51 -7.30
CA ASN A 340 21.50 26.40 -6.16
C ASN A 340 22.81 26.39 -5.38
N VAL A 341 23.17 27.53 -4.81
CA VAL A 341 24.48 27.70 -4.17
C VAL A 341 24.42 28.09 -2.66
N GLY A 342 25.30 27.46 -1.88
CA GLY A 342 25.39 27.67 -0.43
C GLY A 342 26.82 27.81 0.13
N ARG A 343 26.96 27.48 1.42
CA ARG A 343 28.11 27.94 2.22
C ARG A 343 28.93 26.84 2.91
N THR A 344 29.68 26.05 2.12
CA THR A 344 30.69 25.10 2.66
C THR A 344 31.66 24.52 1.61
N GLY A 345 31.13 23.89 0.56
CA GLY A 345 31.95 23.28 -0.47
C GLY A 345 31.21 22.96 -1.78
N ARG A 346 29.93 22.61 -1.66
CA ARG A 346 29.16 22.16 -2.82
C ARG A 346 27.92 23.00 -3.11
N ILE A 347 27.59 23.04 -4.41
CA ILE A 347 26.31 23.54 -4.87
C ILE A 347 25.38 22.33 -4.97
N THR A 348 24.08 22.54 -4.85
CA THR A 348 23.14 21.42 -4.78
C THR A 348 22.17 21.41 -5.97
N PRO A 349 22.14 20.30 -6.73
CA PRO A 349 21.33 20.20 -7.94
C PRO A 349 19.83 20.17 -7.66
N PHE A 350 19.24 21.35 -7.52
CA PHE A 350 17.80 21.45 -7.27
C PHE A 350 16.98 21.18 -8.53
N ALA A 351 16.14 20.16 -8.47
CA ALA A 351 15.38 19.70 -9.62
C ALA A 351 14.07 20.44 -9.80
N PHE A 352 14.00 21.29 -10.82
CA PHE A 352 12.81 22.07 -11.14
C PHE A 352 11.88 21.25 -12.03
N MET A 353 10.59 21.26 -11.70
CA MET A 353 9.60 20.48 -12.44
C MET A 353 8.29 21.26 -12.64
N THR A 354 7.29 20.61 -13.22
CA THR A 354 5.96 21.20 -13.33
C THR A 354 5.20 21.03 -12.00
N PRO A 355 4.48 22.08 -11.58
CA PRO A 355 3.67 22.19 -10.34
C PRO A 355 2.91 20.93 -9.94
N VAL A 356 2.76 20.71 -8.63
CA VAL A 356 1.97 19.58 -8.09
C VAL A 356 1.41 19.80 -6.69
N LYS A 357 0.17 19.37 -6.50
CA LYS A 357 -0.51 19.41 -5.19
C LYS A 357 -0.33 18.12 -4.43
N VAL A 358 0.67 18.12 -3.57
CA VAL A 358 0.97 17.00 -2.68
C VAL A 358 1.06 17.55 -1.25
N ALA A 359 0.45 16.84 -0.29
CA ALA A 359 0.34 17.30 1.10
C ALA A 359 -0.30 18.70 1.22
N GLY A 360 -1.28 18.96 0.36
CA GLY A 360 -2.00 20.24 0.37
C GLY A 360 -1.28 21.32 -0.41
N SER A 361 -0.12 21.73 0.11
CA SER A 361 0.74 22.68 -0.59
C SER A 361 0.99 22.21 -2.02
N THR A 362 0.87 23.14 -2.96
CA THR A 362 1.30 22.87 -4.32
C THR A 362 2.80 23.22 -4.49
N VAL A 363 3.55 22.28 -5.08
CA VAL A 363 5.01 22.35 -5.09
C VAL A 363 5.57 21.87 -6.43
N GLY A 364 6.70 22.46 -6.84
CA GLY A 364 7.44 22.04 -8.02
C GLY A 364 8.93 22.09 -7.80
N GLN A 365 9.35 22.06 -6.54
CA GLN A 365 10.74 22.32 -6.17
C GLN A 365 11.46 21.16 -5.46
N ALA A 366 11.10 19.92 -5.75
CA ALA A 366 11.73 18.74 -5.11
C ALA A 366 13.27 18.71 -5.28
N THR A 367 13.96 18.10 -4.32
CA THR A 367 15.43 18.16 -4.28
C THR A 367 16.18 16.89 -4.65
N LEU A 368 17.42 17.08 -5.11
CA LEU A 368 18.42 16.03 -5.29
C LEU A 368 19.64 16.54 -4.54
N HIS A 369 20.16 15.73 -3.63
CA HIS A 369 21.27 16.16 -2.77
C HIS A 369 22.60 16.35 -3.50
N ASN A 370 23.02 15.33 -4.25
CA ASN A 370 24.34 15.33 -4.87
C ASN A 370 24.41 14.59 -6.20
N ALA A 371 25.54 14.75 -6.89
CA ALA A 371 25.81 14.09 -8.17
C ALA A 371 25.37 12.65 -8.18
N SER A 372 26.00 11.85 -7.31
CA SER A 372 25.68 10.43 -7.21
C SER A 372 24.25 10.23 -6.75
N GLU A 373 23.77 11.09 -5.85
CA GLU A 373 22.37 11.01 -5.47
C GLU A 373 21.58 10.92 -6.75
N ILE A 374 21.68 11.97 -7.60
CA ILE A 374 21.08 11.94 -8.94
C ILE A 374 21.52 10.65 -9.63
N LYS A 375 21.76 10.72 -10.94
CA LYS A 375 22.22 9.55 -11.69
C LYS A 375 21.69 8.24 -11.11
N ARG A 376 22.31 7.75 -10.04
CA ARG A 376 21.90 6.49 -9.39
C ARG A 376 20.50 6.54 -8.73
N LYS A 377 19.62 7.35 -9.31
CA LYS A 377 18.19 7.28 -9.08
C LYS A 377 17.53 7.11 -10.43
N GLY A 378 18.35 7.16 -11.47
CA GLY A 378 17.93 6.90 -12.85
C GLY A 378 17.18 8.04 -13.49
N VAL A 379 17.31 9.24 -12.93
CA VAL A 379 16.62 10.42 -13.46
C VAL A 379 17.45 11.18 -14.51
N LEU A 380 16.74 11.85 -15.43
CA LEU A 380 17.34 12.63 -16.50
C LEU A 380 16.37 13.72 -16.95
N ILE A 381 16.90 14.87 -17.36
CA ILE A 381 16.08 16.06 -17.64
C ILE A 381 14.99 15.75 -18.66
N GLY A 382 13.74 15.98 -18.27
CA GLY A 382 12.55 15.71 -19.10
C GLY A 382 11.70 14.54 -18.63
N ASP A 383 12.30 13.72 -17.75
CA ASP A 383 11.69 12.50 -17.18
C ASP A 383 10.41 12.77 -16.37
N THR A 384 9.53 11.77 -16.28
CA THR A 384 8.40 11.82 -15.34
C THR A 384 8.86 11.27 -13.98
N VAL A 385 8.60 12.02 -12.91
CA VAL A 385 9.16 11.68 -11.61
C VAL A 385 8.14 11.62 -10.46
N VAL A 386 8.41 10.75 -9.48
CA VAL A 386 7.62 10.72 -8.24
C VAL A 386 8.35 11.37 -7.06
N ILE A 387 7.59 12.18 -6.33
CA ILE A 387 8.10 13.07 -5.30
C ILE A 387 7.44 12.81 -3.95
N ARG A 388 8.24 12.58 -2.92
CA ARG A 388 7.71 12.38 -1.59
C ARG A 388 7.92 13.59 -0.69
N LYS A 389 6.83 14.01 -0.04
CA LYS A 389 6.86 14.99 1.03
C LYS A 389 7.30 14.29 2.32
N ALA A 390 8.59 13.98 2.37
CA ALA A 390 9.19 13.06 3.34
C ALA A 390 9.73 13.72 4.63
N GLY A 391 9.43 15.00 4.81
CA GLY A 391 9.98 15.80 5.90
C GLY A 391 9.27 15.71 7.24
N ASP A 392 8.01 16.17 7.33
CA ASP A 392 7.30 16.85 6.24
C ASP A 392 7.80 18.28 6.08
N VAL A 393 8.67 18.46 5.08
CA VAL A 393 9.22 19.75 4.69
C VAL A 393 9.63 19.70 3.21
N ILE A 394 10.93 19.77 2.93
CA ILE A 394 11.47 19.71 1.55
C ILE A 394 11.09 18.41 0.84
N PRO A 395 10.53 18.52 -0.39
CA PRO A 395 10.13 17.36 -1.19
C PRO A 395 11.33 16.63 -1.80
N GLU A 396 11.19 15.31 -1.92
CA GLU A 396 12.23 14.44 -2.49
C GLU A 396 11.82 13.79 -3.83
N VAL A 397 12.66 12.88 -4.32
CA VAL A 397 12.40 12.16 -5.56
C VAL A 397 12.76 10.70 -5.35
N LEU A 398 11.76 9.82 -5.50
CA LEU A 398 11.96 8.38 -5.33
C LEU A 398 12.59 7.76 -6.59
N GLY A 399 11.94 7.98 -7.73
CA GLY A 399 12.42 7.45 -9.01
C GLY A 399 11.66 7.98 -10.22
N PRO A 400 12.12 7.61 -11.43
CA PRO A 400 11.41 7.93 -12.67
C PRO A 400 10.48 6.80 -13.07
N VAL A 401 9.41 7.10 -13.81
CA VAL A 401 8.59 6.04 -14.40
C VAL A 401 9.00 5.84 -15.85
N VAL A 402 9.83 4.82 -16.05
CA VAL A 402 10.57 4.59 -17.28
C VAL A 402 9.66 4.20 -18.45
N GLU A 403 8.64 3.39 -18.17
CA GLU A 403 7.67 2.94 -19.17
C GLU A 403 7.10 4.09 -20.00
N LEU A 404 7.21 5.30 -19.45
CA LEU A 404 7.04 6.52 -20.25
C LEU A 404 8.35 6.78 -21.00
N ARG A 405 8.35 6.45 -22.28
CA ARG A 405 9.56 6.43 -23.09
C ARG A 405 9.90 7.84 -23.61
N ASP A 406 9.38 8.17 -24.79
CA ASP A 406 9.69 9.42 -25.50
C ASP A 406 11.15 9.45 -25.95
N GLY A 407 12.04 8.84 -25.17
CA GLY A 407 13.46 8.77 -25.47
C GLY A 407 14.13 10.13 -25.64
N SER A 408 13.32 11.17 -25.76
CA SER A 408 13.79 12.54 -25.99
C SER A 408 13.99 13.29 -24.68
N GLU A 409 15.01 12.88 -23.95
CA GLU A 409 15.37 13.46 -22.65
C GLU A 409 16.57 12.69 -22.13
N ARG A 410 17.55 13.40 -21.56
CA ARG A 410 18.87 12.78 -21.32
C ARG A 410 19.72 13.36 -20.19
N GLU A 411 20.85 12.69 -19.96
CA GLU A 411 21.68 12.79 -18.75
C GLU A 411 22.13 14.19 -18.28
N PHE A 412 22.64 14.25 -17.06
CA PHE A 412 22.98 15.50 -16.38
C PHE A 412 24.46 15.85 -16.54
N ILE A 413 24.79 17.12 -16.26
CA ILE A 413 26.12 17.68 -16.53
C ILE A 413 26.66 18.60 -15.41
N MET A 414 26.71 19.91 -15.68
CA MET A 414 27.11 20.98 -14.75
C MET A 414 28.45 20.80 -13.99
N PRO A 415 29.37 21.78 -14.13
CA PRO A 415 30.75 21.63 -13.65
C PRO A 415 31.11 22.57 -12.50
P AMP B . -7.44 1.88 1.52
O2P AMP B . -8.44 1.93 0.44
O3P AMP B . -6.30 2.82 1.43
O5' AMP B . -6.83 0.47 1.28
C5' AMP B . -7.49 -0.65 1.82
C4' AMP B . -6.46 -1.70 2.04
O4' AMP B . -5.47 -1.20 2.90
C3' AMP B . -6.95 -2.84 2.83
O3' AMP B . -7.46 -3.70 1.86
C2' AMP B . -5.69 -3.43 3.31
O2' AMP B . -5.27 -4.28 2.27
C1' AMP B . -4.72 -2.29 3.32
N9 AMP B . -4.20 -2.07 4.68
C8 AMP B . -3.02 -1.52 4.93
N7 AMP B . -2.81 -1.46 6.25
C5 AMP B . -3.85 -1.98 6.85
C6 AMP B . -4.24 -2.18 8.22
N6 AMP B . -3.44 -1.83 9.23
N1 AMP B . -5.41 -2.74 8.43
C2 AMP B . -6.21 -3.11 7.44
N3 AMP B . -5.91 -2.93 6.18
C4 AMP B . -4.76 -2.38 5.81
#